data_9BDV
#
_entry.id   9BDV
#
_cell.length_a   118.654
_cell.length_b   132.682
_cell.length_c   45.663
_cell.angle_alpha   90.00
_cell.angle_beta   90.00
_cell.angle_gamma   90.00
#
_symmetry.space_group_name_H-M   'P 21 21 2'
#
loop_
_entity.id
_entity.type
_entity.pdbx_description
1 polymer 'Transcription factor p65'
2 polymer "DNA (5'-D(P*AP*CP*TP*GP*GP*GP*AP*AP*TP*TP*TP*CP*CP*AP*GP*TP*GP*AP*T)-3')"
3 polymer "DNA (5'-D(*AP*TP*CP*AP*CP*TP*GP*GP*AP*AP*AP*TP*TP*CP*CP*CP*AP*GP*T)-3')"
4 non-polymer 'SULFATE ION'
5 water water
#
loop_
_entity_poly.entity_id
_entity_poly.type
_entity_poly.pdbx_seq_one_letter_code
_entity_poly.pdbx_strand_id
1 'polypeptide(L)'
;MPYVEIIEQPKQRGMRFRYKCEGRSAGSIPGERSTDTTKTHPTIKINGYTGPGTVRISLVTKDPPHRPHPHELVGKDCRD
GYYEADLCPDRSIHSFQNLGIQCVKKRDLEQAISQRIQTNNNPFHVPIEEQRGDYDLNAVRLCFQVTVRDPAGRPLLLTP
VLSHPIFDNRAPNTAELKICRVNRNSGSCLGGDEIFLLCDKVQKEDIEVYFTGPGWEARGSFSQADVHRQVAIVFRTPPY
ADPSLQAPVRVSMQLRRPSDRELSEPMEFQYLPDTDDRHRIEEKRKR
;
A,B
2 'polydeoxyribonucleotide' (DA)(DC)(DT)(DG)(DG)(DG)(DA)(DA)(DT)(DT)(DT)(DC)(DC)(DA)(DG)(DT)(DG)(DA)(DT) C
3 'polydeoxyribonucleotide' (DA)(DT)(DC)(DA)(DC)(DT)(DG)(DG)(DA)(DA)(DA)(DT)(DT)(DC)(DC)(DC)(DA)(DG)(DT) D
#
loop_
_chem_comp.id
_chem_comp.type
_chem_comp.name
_chem_comp.formula
DA DNA linking 2'-DEOXYADENOSINE-5'-MONOPHOSPHATE 'C10 H14 N5 O6 P'
DC DNA linking 2'-DEOXYCYTIDINE-5'-MONOPHOSPHATE 'C9 H14 N3 O7 P'
DG DNA linking 2'-DEOXYGUANOSINE-5'-MONOPHOSPHATE 'C10 H14 N5 O7 P'
DT DNA linking THYMIDINE-5'-MONOPHOSPHATE 'C10 H15 N2 O8 P'
SO4 non-polymer 'SULFATE ION' 'O4 S -2'
#
# COMPACT_ATOMS: atom_id res chain seq x y z
N PRO A 2 31.83 -36.55 12.34
CA PRO A 2 30.77 -36.38 11.33
C PRO A 2 30.43 -34.90 11.13
N TYR A 3 29.67 -34.62 10.06
CA TYR A 3 29.27 -33.27 9.72
C TYR A 3 27.97 -33.31 8.92
N VAL A 4 27.25 -32.17 8.91
CA VAL A 4 25.96 -32.07 8.25
C VAL A 4 26.15 -31.34 6.92
N GLU A 5 25.40 -31.79 5.91
CA GLU A 5 25.41 -31.21 4.58
C GLU A 5 23.95 -31.00 4.16
N ILE A 6 23.64 -29.80 3.66
CA ILE A 6 22.34 -29.54 3.07
C ILE A 6 22.38 -30.00 1.61
N ILE A 7 21.53 -30.99 1.29
CA ILE A 7 21.49 -31.54 -0.06
C ILE A 7 20.29 -30.98 -0.82
N GLU A 8 19.30 -30.44 -0.10
CA GLU A 8 18.26 -29.65 -0.73
C GLU A 8 17.98 -28.41 0.12
N GLN A 9 18.39 -27.25 -0.40
CA GLN A 9 18.18 -25.96 0.24
C GLN A 9 16.69 -25.63 0.23
N PRO A 10 16.22 -24.76 1.15
CA PRO A 10 14.86 -24.23 1.06
C PRO A 10 14.75 -23.28 -0.13
N LYS A 11 13.54 -23.18 -0.70
CA LYS A 11 13.26 -22.20 -1.74
C LYS A 11 13.36 -20.81 -1.11
N GLN A 12 14.06 -19.90 -1.79
CA GLN A 12 14.40 -18.61 -1.22
C GLN A 12 13.22 -17.64 -1.30
N ARG A 13 12.47 -17.67 -2.41
CA ARG A 13 11.47 -16.65 -2.68
C ARG A 13 10.10 -17.30 -2.92
N GLY A 14 9.04 -16.50 -2.77
CA GLY A 14 7.69 -16.90 -3.13
C GLY A 14 6.83 -17.28 -1.92
N MET A 15 7.40 -17.17 -0.71
CA MET A 15 6.68 -17.49 0.51
C MET A 15 6.41 -16.23 1.32
N ARG A 16 5.19 -16.11 1.84
CA ARG A 16 4.82 -15.01 2.71
C ARG A 16 4.93 -15.47 4.16
N PHE A 17 5.72 -14.75 4.96
CA PHE A 17 5.76 -14.97 6.40
C PHE A 17 4.40 -14.57 6.97
N ARG A 18 3.82 -15.43 7.81
CA ARG A 18 2.49 -15.18 8.34
C ARG A 18 2.58 -14.68 9.77
N TYR A 19 1.72 -13.72 10.12
CA TYR A 19 1.63 -13.19 11.46
C TYR A 19 0.77 -14.12 12.33
N LYS A 20 0.93 -14.01 13.65
CA LYS A 20 0.17 -14.82 14.59
C LYS A 20 -1.32 -14.51 14.46
N CYS A 21 -1.65 -13.25 14.10
CA CYS A 21 -3.02 -12.80 13.98
C CYS A 21 -3.76 -13.52 12.86
N GLU A 22 -3.03 -14.04 11.87
CA GLU A 22 -3.64 -14.65 10.69
C GLU A 22 -4.12 -16.06 11.03
N GLY A 23 -3.55 -16.67 12.07
CA GLY A 23 -4.05 -17.90 12.64
C GLY A 23 -4.16 -19.03 11.62
N ARG A 24 -3.00 -19.46 11.10
CA ARG A 24 -2.95 -20.48 10.06
C ARG A 24 -1.53 -21.03 9.95
N SER A 25 -0.96 -21.44 11.10
CA SER A 25 0.44 -21.84 11.15
C SER A 25 1.25 -20.91 10.26
N ALA A 26 2.01 -21.46 9.29
CA ALA A 26 2.64 -20.65 8.27
C ALA A 26 2.99 -21.48 7.04
N GLY A 27 2.23 -22.54 6.77
CA GLY A 27 2.47 -23.38 5.61
C GLY A 27 3.74 -24.22 5.76
N SER A 28 4.33 -24.60 4.63
CA SER A 28 5.50 -25.46 4.61
C SER A 28 6.53 -24.94 3.61
N ILE A 29 7.76 -24.72 4.09
CA ILE A 29 8.86 -24.29 3.25
C ILE A 29 9.17 -25.41 2.26
N PRO A 30 9.10 -25.16 0.94
CA PRO A 30 9.46 -26.17 -0.06
C PRO A 30 10.96 -26.21 -0.30
N GLY A 31 11.41 -27.30 -0.93
CA GLY A 31 12.79 -27.42 -1.38
C GLY A 31 13.05 -26.56 -2.61
N GLU A 32 14.34 -26.34 -2.91
CA GLU A 32 14.78 -25.44 -3.96
C GLU A 32 14.34 -25.95 -5.33
N ARG A 33 14.31 -27.28 -5.50
CA ARG A 33 14.00 -27.89 -6.78
C ARG A 33 12.60 -28.49 -6.75
N SER A 34 11.69 -27.83 -6.02
CA SER A 34 10.33 -28.31 -5.87
C SER A 34 9.47 -27.81 -7.02
N THR A 35 8.47 -28.62 -7.39
CA THR A 35 7.49 -28.26 -8.41
C THR A 35 6.15 -28.88 -8.04
N ASP A 36 5.10 -28.53 -8.80
CA ASP A 36 3.77 -29.07 -8.58
C ASP A 36 3.81 -30.58 -8.82
N THR A 37 4.55 -31.00 -9.87
CA THR A 37 4.63 -32.39 -10.27
C THR A 37 5.46 -33.19 -9.26
N THR A 38 6.58 -32.62 -8.81
CA THR A 38 7.50 -33.30 -7.90
C THR A 38 7.79 -32.39 -6.72
N LYS A 39 7.06 -32.61 -5.61
CA LYS A 39 7.17 -31.80 -4.41
C LYS A 39 8.38 -32.27 -3.61
N THR A 40 9.21 -31.31 -3.17
CA THR A 40 10.39 -31.61 -2.39
C THR A 40 10.45 -30.67 -1.18
N HIS A 41 11.32 -31.01 -0.22
CA HIS A 41 11.39 -30.34 1.06
C HIS A 41 12.86 -30.12 1.44
N PRO A 42 13.17 -29.18 2.35
CA PRO A 42 14.53 -29.00 2.84
C PRO A 42 15.08 -30.33 3.40
N THR A 43 16.28 -30.70 2.94
CA THR A 43 16.85 -32.01 3.21
C THR A 43 18.31 -31.86 3.62
N ILE A 44 18.72 -32.62 4.64
CA ILE A 44 20.12 -32.65 5.07
C ILE A 44 20.64 -34.09 4.95
N LYS A 45 21.97 -34.20 4.98
CA LYS A 45 22.64 -35.48 4.99
C LYS A 45 23.71 -35.44 6.08
N ILE A 46 23.71 -36.43 6.97
CA ILE A 46 24.76 -36.58 7.97
C ILE A 46 25.83 -37.49 7.38
N ASN A 47 27.03 -36.94 7.21
CA ASN A 47 28.17 -37.67 6.67
C ASN A 47 29.00 -38.20 7.84
N GLY A 48 29.28 -39.51 7.81
CA GLY A 48 30.16 -40.13 8.79
C GLY A 48 29.43 -40.66 10.01
N TYR A 49 28.08 -40.77 9.92
CA TYR A 49 27.29 -41.30 11.02
C TYR A 49 25.92 -41.74 10.51
N THR A 50 25.55 -42.97 10.88
CA THR A 50 24.18 -43.45 10.75
C THR A 50 23.81 -44.18 12.04
N GLY A 51 22.75 -43.72 12.69
CA GLY A 51 22.36 -44.22 14.00
C GLY A 51 21.48 -43.23 14.74
N PRO A 52 21.19 -43.47 16.05
CA PRO A 52 20.31 -42.58 16.81
C PRO A 52 20.82 -41.15 16.86
N GLY A 53 19.89 -40.20 16.85
CA GLY A 53 20.25 -38.79 16.84
C GLY A 53 19.00 -37.90 16.85
N THR A 54 19.21 -36.62 17.17
CA THR A 54 18.15 -35.63 17.16
C THR A 54 18.63 -34.44 16.33
N VAL A 55 17.67 -33.59 15.93
CA VAL A 55 17.98 -32.40 15.19
C VAL A 55 17.12 -31.26 15.72
N ARG A 56 17.75 -30.10 15.94
CA ARG A 56 17.04 -28.86 16.16
C ARG A 56 17.25 -27.95 14.96
N ILE A 57 16.15 -27.38 14.46
CA ILE A 57 16.22 -26.39 13.39
C ILE A 57 15.73 -25.07 13.97
N SER A 58 16.56 -24.02 13.83
CA SER A 58 16.21 -22.71 14.31
C SER A 58 16.40 -21.67 13.20
N LEU A 59 15.97 -20.44 13.50
CA LEU A 59 16.08 -19.31 12.60
C LEU A 59 17.19 -18.38 13.11
N VAL A 60 18.15 -18.06 12.24
CA VAL A 60 19.18 -17.09 12.54
C VAL A 60 19.16 -15.99 11.47
N THR A 61 19.88 -14.90 11.74
CA THR A 61 19.94 -13.76 10.84
C THR A 61 20.73 -14.10 9.58
N LYS A 62 20.48 -13.33 8.52
CA LYS A 62 21.13 -13.54 7.23
C LYS A 62 22.63 -13.25 7.35
N ASP A 63 22.96 -12.14 8.03
CA ASP A 63 24.33 -11.64 8.08
C ASP A 63 24.98 -12.02 9.41
N PRO A 64 26.33 -12.13 9.46
CA PRO A 64 27.03 -12.40 10.71
C PRO A 64 27.03 -11.15 11.60
N PRO A 65 27.06 -11.30 12.95
CA PRO A 65 27.02 -12.60 13.60
C PRO A 65 25.64 -13.22 13.48
N HIS A 66 25.59 -14.54 13.33
CA HIS A 66 24.35 -15.25 13.08
C HIS A 66 23.57 -15.36 14.39
N ARG A 67 22.93 -14.25 14.77
CA ARG A 67 22.14 -14.15 15.99
C ARG A 67 20.85 -14.91 15.78
N PRO A 68 20.18 -15.40 16.86
CA PRO A 68 18.84 -15.96 16.72
C PRO A 68 17.89 -14.89 16.19
N HIS A 69 17.04 -15.29 15.24
CA HIS A 69 16.12 -14.36 14.62
C HIS A 69 14.88 -14.23 15.50
N PRO A 70 14.26 -13.02 15.59
CA PRO A 70 13.02 -12.86 16.34
C PRO A 70 11.83 -13.67 15.81
N HIS A 71 11.84 -14.03 14.52
CA HIS A 71 10.78 -14.82 13.93
C HIS A 71 10.79 -16.24 14.49
N GLU A 72 9.70 -16.97 14.25
CA GLU A 72 9.52 -18.30 14.83
C GLU A 72 9.29 -19.32 13.72
N LEU A 73 9.93 -20.50 13.88
CA LEU A 73 9.49 -21.69 13.16
C LEU A 73 8.23 -22.22 13.83
N VAL A 74 7.21 -22.51 13.02
CA VAL A 74 5.97 -23.07 13.53
C VAL A 74 5.60 -24.28 12.69
N GLY A 75 4.81 -25.18 13.27
CA GLY A 75 4.44 -26.43 12.64
C GLY A 75 4.62 -27.59 13.61
N LYS A 76 4.52 -28.81 13.09
CA LYS A 76 4.63 -30.01 13.90
C LYS A 76 6.05 -30.09 14.47
N ASP A 77 6.14 -30.43 15.76
CA ASP A 77 7.39 -30.63 16.48
C ASP A 77 8.14 -29.31 16.67
N CYS A 78 7.43 -28.18 16.55
CA CYS A 78 8.01 -26.87 16.81
C CYS A 78 7.51 -26.35 18.15
N ARG A 79 8.45 -25.79 18.94
CA ARG A 79 8.13 -25.14 20.20
C ARG A 79 9.10 -23.99 20.41
N ASP A 80 8.58 -22.87 20.94
CA ASP A 80 9.38 -21.71 21.27
C ASP A 80 10.20 -21.26 20.06
N GLY A 81 9.62 -21.40 18.86
CA GLY A 81 10.22 -20.86 17.64
C GLY A 81 11.25 -21.78 16.98
N TYR A 82 11.43 -23.01 17.47
CA TYR A 82 12.36 -23.94 16.84
C TYR A 82 11.73 -25.32 16.68
N TYR A 83 12.23 -26.07 15.70
CA TYR A 83 11.85 -27.46 15.47
C TYR A 83 12.81 -28.36 16.24
N GLU A 84 12.28 -29.44 16.82
CA GLU A 84 13.13 -30.43 17.47
C GLU A 84 12.46 -31.79 17.45
N ALA A 85 13.18 -32.80 16.93
CA ALA A 85 12.68 -34.17 16.85
C ALA A 85 13.83 -35.13 16.56
N ASP A 86 13.52 -36.42 16.58
CA ASP A 86 14.47 -37.49 16.29
C ASP A 86 14.80 -37.52 14.81
N LEU A 87 16.00 -38.02 14.50
CA LEU A 87 16.38 -38.44 13.16
C LEU A 87 16.20 -39.95 13.06
N CYS A 88 15.88 -40.44 11.86
CA CYS A 88 15.77 -41.87 11.64
C CYS A 88 17.15 -42.51 11.77
N PRO A 89 17.33 -43.56 12.59
CA PRO A 89 18.64 -44.18 12.77
C PRO A 89 19.06 -45.12 11.63
N ASP A 90 18.17 -45.37 10.67
CA ASP A 90 18.44 -46.27 9.56
C ASP A 90 18.92 -45.52 8.32
N ARG A 91 18.74 -44.19 8.29
CA ARG A 91 19.10 -43.40 7.13
C ARG A 91 20.07 -42.29 7.54
N SER A 92 20.79 -41.75 6.54
CA SER A 92 21.66 -40.59 6.74
C SER A 92 21.06 -39.35 6.08
N ILE A 93 19.93 -39.51 5.36
CA ILE A 93 19.26 -38.40 4.69
C ILE A 93 17.93 -38.14 5.41
N HIS A 94 17.65 -36.85 5.68
CA HIS A 94 16.50 -36.47 6.48
C HIS A 94 15.87 -35.21 5.88
N SER A 95 14.55 -35.27 5.65
CA SER A 95 13.80 -34.14 5.12
C SER A 95 12.83 -33.62 6.17
N PHE A 96 12.37 -32.38 5.96
CA PHE A 96 11.50 -31.68 6.90
C PHE A 96 10.35 -31.04 6.13
N GLN A 97 9.13 -31.57 6.32
CA GLN A 97 8.03 -31.36 5.39
C GLN A 97 7.07 -30.27 5.86
N ASN A 98 7.21 -29.77 7.10
CA ASN A 98 6.21 -28.88 7.66
C ASN A 98 6.87 -27.75 8.45
N LEU A 99 7.89 -27.11 7.85
CA LEU A 99 8.52 -25.94 8.44
C LEU A 99 7.83 -24.68 7.92
N GLY A 100 7.21 -23.92 8.83
CA GLY A 100 6.62 -22.63 8.50
C GLY A 100 7.30 -21.49 9.26
N ILE A 101 7.23 -20.28 8.72
CA ILE A 101 7.83 -19.10 9.34
C ILE A 101 6.71 -18.16 9.78
N GLN A 102 6.67 -17.89 11.09
CA GLN A 102 5.75 -16.94 11.68
C GLN A 102 6.54 -15.69 12.04
N CYS A 103 6.16 -14.54 11.44
CA CYS A 103 6.88 -13.30 11.69
C CYS A 103 6.32 -12.60 12.91
N VAL A 104 7.23 -12.07 13.73
CA VAL A 104 6.88 -11.32 14.93
C VAL A 104 6.77 -9.84 14.55
N LYS A 105 5.88 -9.12 15.24
CA LYS A 105 5.71 -7.69 15.05
C LYS A 105 6.90 -6.93 15.64
N LYS A 106 7.16 -5.74 15.12
CA LYS A 106 8.29 -4.93 15.55
C LYS A 106 8.10 -4.51 17.01
N ARG A 107 6.83 -4.35 17.44
CA ARG A 107 6.50 -4.03 18.82
C ARG A 107 6.88 -5.17 19.76
N ASP A 108 6.86 -6.42 19.27
CA ASP A 108 7.08 -7.60 20.09
C ASP A 108 8.50 -8.13 19.90
N LEU A 109 9.39 -7.31 19.34
CA LEU A 109 10.73 -7.75 18.98
C LEU A 109 11.55 -8.05 20.23
N GLU A 110 11.51 -7.13 21.20
CA GLU A 110 12.29 -7.23 22.42
C GLU A 110 11.91 -8.52 23.16
N GLN A 111 10.61 -8.79 23.23
CA GLN A 111 10.07 -9.96 23.91
C GLN A 111 10.53 -11.23 23.21
N ALA A 112 10.52 -11.21 21.87
CA ALA A 112 10.90 -12.37 21.07
C ALA A 112 12.36 -12.73 21.32
N ILE A 113 13.24 -11.72 21.32
CA ILE A 113 14.66 -11.94 21.54
C ILE A 113 14.90 -12.47 22.95
N SER A 114 14.11 -12.00 23.91
CA SER A 114 14.20 -12.47 25.29
C SER A 114 13.87 -13.96 25.36
N GLN A 115 12.87 -14.40 24.58
CA GLN A 115 12.50 -15.80 24.54
C GLN A 115 13.63 -16.63 23.95
N ARG A 116 14.31 -16.11 22.91
CA ARG A 116 15.38 -16.83 22.26
C ARG A 116 16.49 -17.14 23.26
N ILE A 117 16.82 -16.16 24.10
CA ILE A 117 17.87 -16.32 25.10
C ILE A 117 17.39 -17.28 26.18
N GLN A 118 16.15 -17.08 26.66
CA GLN A 118 15.60 -17.83 27.77
C GLN A 118 15.53 -19.32 27.43
N THR A 119 15.23 -19.64 26.16
CA THR A 119 15.04 -21.01 25.72
C THR A 119 16.35 -21.59 25.17
N ASN A 120 17.47 -20.92 25.44
CA ASN A 120 18.79 -21.33 24.98
C ASN A 120 18.76 -21.61 23.48
N ASN A 121 18.19 -20.68 22.73
CA ASN A 121 18.13 -20.77 21.28
C ASN A 121 19.10 -19.73 20.72
N ASN A 122 20.38 -20.12 20.70
CA ASN A 122 21.47 -19.25 20.28
C ASN A 122 22.59 -20.15 19.75
N PRO A 123 22.43 -20.72 18.54
CA PRO A 123 23.35 -21.77 18.06
C PRO A 123 24.82 -21.38 17.97
N PHE A 124 25.10 -20.10 17.73
CA PHE A 124 26.47 -19.62 17.57
C PHE A 124 26.97 -18.91 18.83
N HIS A 125 26.15 -18.94 19.90
CA HIS A 125 26.56 -18.43 21.20
C HIS A 125 27.06 -16.99 21.08
N VAL A 126 26.27 -16.15 20.39
CA VAL A 126 26.59 -14.74 20.22
C VAL A 126 26.34 -14.04 21.55
N PRO A 127 27.29 -13.17 22.02
CA PRO A 127 27.05 -12.38 23.23
C PRO A 127 25.83 -11.46 23.10
N ILE A 128 25.20 -11.17 24.24
CA ILE A 128 23.99 -10.34 24.27
C ILE A 128 24.30 -8.93 23.80
N GLU A 129 25.55 -8.49 23.98
CA GLU A 129 25.96 -7.15 23.59
C GLU A 129 25.88 -6.99 22.08
N GLU A 130 26.19 -8.05 21.34
CA GLU A 130 26.22 -8.03 19.88
C GLU A 130 24.82 -8.30 19.30
N GLN A 131 23.86 -8.66 20.17
CA GLN A 131 22.51 -8.98 19.74
C GLN A 131 21.62 -7.72 19.77
N ARG A 132 22.20 -6.60 20.23
CA ARG A 132 21.60 -5.29 19.97
C ARG A 132 21.96 -4.90 18.54
N GLY A 133 21.17 -4.00 17.96
CA GLY A 133 21.32 -3.66 16.55
C GLY A 133 20.15 -4.17 15.73
N ASP A 134 20.00 -3.63 14.51
CA ASP A 134 18.79 -3.78 13.74
C ASP A 134 18.72 -5.19 13.16
N TYR A 135 17.49 -5.71 13.06
CA TYR A 135 17.23 -7.00 12.44
C TYR A 135 16.59 -6.78 11.06
N ASP A 136 16.99 -7.61 10.10
CA ASP A 136 16.27 -7.71 8.83
C ASP A 136 15.13 -8.72 9.00
N LEU A 137 13.90 -8.20 9.12
CA LEU A 137 12.74 -9.04 9.39
C LEU A 137 12.18 -9.65 8.10
N ASN A 138 12.83 -9.40 6.97
CA ASN A 138 12.36 -9.92 5.69
C ASN A 138 13.23 -11.09 5.23
N ALA A 139 14.25 -11.45 6.01
CA ALA A 139 15.16 -12.52 5.64
C ALA A 139 15.56 -13.35 6.86
N VAL A 140 15.64 -14.67 6.68
CA VAL A 140 16.08 -15.60 7.72
C VAL A 140 16.94 -16.68 7.07
N ARG A 141 17.73 -17.37 7.91
CA ARG A 141 18.40 -18.61 7.51
C ARG A 141 17.98 -19.72 8.45
N LEU A 142 17.76 -20.92 7.90
CA LEU A 142 17.60 -22.12 8.71
C LEU A 142 18.96 -22.49 9.28
N CYS A 143 18.97 -22.91 10.54
CA CYS A 143 20.17 -23.40 11.19
C CYS A 143 19.92 -24.81 11.70
N PHE A 144 20.60 -25.80 11.10
CA PHE A 144 20.43 -27.20 11.46
C PHE A 144 21.46 -27.59 12.51
N GLN A 145 20.98 -28.05 13.67
CA GLN A 145 21.81 -28.41 14.80
C GLN A 145 21.56 -29.88 15.13
N VAL A 146 22.45 -30.76 14.64
CA VAL A 146 22.28 -32.18 14.77
C VAL A 146 23.12 -32.68 15.95
N THR A 147 22.50 -33.49 16.80
CA THR A 147 23.20 -34.18 17.89
C THR A 147 23.18 -35.68 17.58
N VAL A 148 24.39 -36.27 17.49
CA VAL A 148 24.54 -37.69 17.23
C VAL A 148 25.19 -38.34 18.46
N ARG A 149 25.70 -39.56 18.30
CA ARG A 149 26.48 -40.24 19.33
C ARG A 149 27.90 -40.48 18.82
N ASP A 150 28.88 -40.39 19.72
CA ASP A 150 30.25 -40.75 19.40
C ASP A 150 30.38 -42.28 19.49
N PRO A 151 31.49 -42.89 19.01
CA PRO A 151 31.68 -44.35 19.11
C PRO A 151 31.52 -44.92 20.51
N ALA A 152 31.81 -44.11 21.54
CA ALA A 152 31.64 -44.52 22.92
C ALA A 152 30.16 -44.51 23.32
N GLY A 153 29.33 -43.76 22.57
CA GLY A 153 27.90 -43.73 22.79
C GLY A 153 27.47 -42.58 23.70
N ARG A 154 28.15 -41.43 23.56
CA ARG A 154 27.86 -40.22 24.32
C ARG A 154 27.36 -39.16 23.34
N PRO A 155 26.41 -38.28 23.76
CA PRO A 155 25.87 -37.26 22.86
C PRO A 155 26.94 -36.30 22.30
N LEU A 156 26.92 -36.13 20.97
CA LEU A 156 27.90 -35.31 20.28
C LEU A 156 27.16 -34.31 19.39
N LEU A 157 27.32 -33.02 19.71
CA LEU A 157 26.73 -31.94 18.93
C LEU A 157 27.65 -31.61 17.76
N LEU A 158 27.14 -31.77 16.54
CA LEU A 158 27.89 -31.46 15.33
C LEU A 158 27.86 -29.95 15.10
N THR A 159 28.78 -29.47 14.26
CA THR A 159 28.86 -28.06 13.92
C THR A 159 27.56 -27.65 13.20
N PRO A 160 26.92 -26.53 13.61
CA PRO A 160 25.70 -26.08 12.96
C PRO A 160 25.96 -25.67 11.51
N VAL A 161 24.99 -25.95 10.63
CA VAL A 161 25.07 -25.61 9.22
C VAL A 161 23.90 -24.69 8.86
N LEU A 162 24.19 -23.67 8.05
CA LEU A 162 23.22 -22.64 7.70
C LEU A 162 22.72 -22.88 6.29
N SER A 163 21.41 -22.64 6.07
CA SER A 163 20.84 -22.66 4.75
C SER A 163 21.10 -21.33 4.05
N HIS A 164 20.75 -21.28 2.75
CA HIS A 164 20.66 -20.03 2.03
C HIS A 164 19.54 -19.18 2.64
N PRO A 165 19.55 -17.85 2.46
CA PRO A 165 18.49 -16.99 3.00
C PRO A 165 17.12 -17.31 2.41
N ILE A 166 16.09 -17.25 3.27
CA ILE A 166 14.69 -17.32 2.86
C ILE A 166 14.11 -15.92 3.01
N PHE A 167 13.42 -15.45 1.97
CA PHE A 167 12.96 -14.07 1.92
C PHE A 167 11.43 -14.02 1.97
N ASP A 168 10.90 -13.05 2.74
CA ASP A 168 9.48 -12.74 2.74
C ASP A 168 9.12 -12.16 1.39
N ASN A 169 8.02 -12.63 0.78
CA ASN A 169 7.65 -12.22 -0.57
C ASN A 169 7.00 -10.83 -0.55
N ARG A 170 6.76 -10.27 0.65
CA ARG A 170 6.25 -8.91 0.77
C ARG A 170 7.34 -7.89 0.46
N ALA A 171 8.61 -8.28 0.62
CA ALA A 171 9.73 -7.36 0.48
C ALA A 171 10.09 -7.20 -1.00
N PRO A 172 9.97 -5.99 -1.58
CA PRO A 172 10.21 -5.80 -3.02
C PRO A 172 11.68 -5.88 -3.41
N ASN A 173 12.57 -5.64 -2.44
CA ASN A 173 14.00 -5.58 -2.71
C ASN A 173 14.56 -6.97 -3.01
N THR A 174 13.83 -8.03 -2.64
CA THR A 174 14.30 -9.39 -2.85
C THR A 174 13.22 -10.27 -3.48
N ALA A 175 12.13 -9.65 -3.94
CA ALA A 175 11.02 -10.39 -4.52
C ALA A 175 11.37 -10.82 -5.95
N GLU A 176 10.62 -11.80 -6.47
CA GLU A 176 10.69 -12.16 -7.88
C GLU A 176 10.18 -10.98 -8.71
N LEU A 177 10.87 -10.70 -9.81
CA LEU A 177 10.44 -9.66 -10.74
C LEU A 177 9.45 -10.26 -11.72
N LYS A 178 8.34 -9.55 -11.97
CA LYS A 178 7.31 -10.05 -12.87
C LYS A 178 6.69 -8.90 -13.65
N ILE A 179 6.73 -9.02 -14.99
CA ILE A 179 5.96 -8.16 -15.89
C ILE A 179 4.57 -8.77 -16.03
N CYS A 180 3.54 -7.98 -15.69
CA CYS A 180 2.17 -8.43 -15.74
C CYS A 180 1.51 -8.07 -17.07
N ARG A 181 1.73 -6.83 -17.54
CA ARG A 181 1.03 -6.30 -18.69
C ARG A 181 1.88 -5.21 -19.34
N VAL A 182 1.92 -5.20 -20.68
CA VAL A 182 2.65 -4.19 -21.43
C VAL A 182 1.81 -3.79 -22.65
N ASN A 183 1.85 -2.50 -22.99
CA ASN A 183 0.93 -1.96 -23.98
C ASN A 183 1.53 -2.03 -25.38
N ARG A 184 2.82 -2.34 -25.49
CA ARG A 184 3.54 -2.25 -26.76
C ARG A 184 4.70 -3.23 -26.75
N ASN A 185 4.81 -4.07 -27.79
CA ASN A 185 5.88 -5.06 -27.86
C ASN A 185 6.64 -4.96 -29.18
N SER A 186 6.53 -3.81 -29.87
CA SER A 186 7.36 -3.53 -31.03
C SER A 186 7.62 -2.02 -31.09
N GLY A 187 8.69 -1.63 -31.79
CA GLY A 187 9.04 -0.23 -31.92
C GLY A 187 10.13 0.01 -32.95
N SER A 188 10.36 1.28 -33.27
CA SER A 188 11.38 1.70 -34.21
C SER A 188 12.76 1.32 -33.70
N CYS A 189 13.66 0.95 -34.62
CA CYS A 189 15.05 0.68 -34.30
C CYS A 189 15.77 1.93 -33.81
N LEU A 190 15.17 3.10 -34.08
CA LEU A 190 15.71 4.39 -33.63
C LEU A 190 15.41 4.63 -32.16
N GLY A 191 14.49 3.84 -31.57
CA GLY A 191 14.13 3.96 -30.16
C GLY A 191 13.22 5.14 -29.91
N GLY A 192 12.91 5.38 -28.63
CA GLY A 192 12.13 6.55 -28.22
C GLY A 192 10.62 6.30 -28.22
N ASP A 193 10.20 5.04 -28.35
CA ASP A 193 8.79 4.68 -28.25
C ASP A 193 8.41 4.57 -26.78
N GLU A 194 7.27 5.18 -26.41
CA GLU A 194 6.80 5.16 -25.04
C GLU A 194 6.09 3.84 -24.78
N ILE A 195 6.43 3.21 -23.65
CA ILE A 195 5.84 1.94 -23.25
C ILE A 195 5.32 2.07 -21.81
N PHE A 196 4.09 1.58 -21.61
CA PHE A 196 3.49 1.43 -20.29
C PHE A 196 3.60 -0.03 -19.85
N LEU A 197 4.26 -0.25 -18.72
CA LEU A 197 4.51 -1.59 -18.21
C LEU A 197 3.92 -1.70 -16.80
N LEU A 198 3.09 -2.74 -16.59
CA LEU A 198 2.57 -3.05 -15.27
C LEU A 198 3.33 -4.26 -14.73
N CYS A 199 3.74 -4.17 -13.46
CA CYS A 199 4.60 -5.17 -12.86
C CYS A 199 4.18 -5.40 -11.41
N ASP A 200 4.72 -6.48 -10.81
CA ASP A 200 4.63 -6.66 -9.37
C ASP A 200 5.47 -5.57 -8.70
N LYS A 201 5.20 -5.34 -7.41
CA LYS A 201 5.75 -4.21 -6.68
C LYS A 201 7.28 -4.18 -6.83
N VAL A 202 7.80 -3.03 -7.27
CA VAL A 202 9.23 -2.77 -7.34
C VAL A 202 9.55 -1.54 -6.48
N GLN A 203 10.85 -1.28 -6.30
CA GLN A 203 11.31 -0.04 -5.70
C GLN A 203 11.83 0.87 -6.81
N LYS A 204 11.32 2.11 -6.86
CA LYS A 204 11.55 3.00 -7.98
C LYS A 204 13.02 3.36 -8.12
N GLU A 205 13.81 3.25 -7.05
CA GLU A 205 15.22 3.62 -7.06
C GLU A 205 16.10 2.42 -7.38
N ASP A 206 15.49 1.24 -7.58
CA ASP A 206 16.24 0.00 -7.75
C ASP A 206 15.54 -0.87 -8.80
N ILE A 207 15.32 -0.31 -10.00
CA ILE A 207 14.61 -1.01 -11.05
C ILE A 207 15.07 -0.49 -12.42
N GLU A 208 15.18 -1.42 -13.38
CA GLU A 208 15.56 -1.11 -14.74
C GLU A 208 14.72 -1.97 -15.69
N VAL A 209 14.58 -1.49 -16.94
CA VAL A 209 14.03 -2.29 -18.01
C VAL A 209 15.19 -2.60 -18.97
N TYR A 210 15.45 -3.90 -19.15
CA TYR A 210 16.70 -4.39 -19.73
C TYR A 210 16.39 -5.08 -21.06
N PHE A 211 16.95 -4.55 -22.15
CA PHE A 211 16.79 -5.13 -23.48
C PHE A 211 18.09 -5.83 -23.88
N THR A 212 17.97 -7.06 -24.41
CA THR A 212 19.15 -7.86 -24.74
C THR A 212 18.95 -8.64 -26.03
N GLY A 213 20.06 -8.79 -26.76
CA GLY A 213 20.21 -9.81 -27.79
C GLY A 213 21.64 -10.33 -27.81
N PRO A 214 22.02 -11.22 -28.76
CA PRO A 214 23.41 -11.66 -28.90
C PRO A 214 24.42 -10.51 -28.93
N GLY A 215 25.17 -10.36 -27.83
CA GLY A 215 26.23 -9.37 -27.74
C GLY A 215 25.71 -7.93 -27.72
N TRP A 216 24.47 -7.73 -27.27
CA TRP A 216 23.86 -6.41 -27.21
C TRP A 216 23.07 -6.28 -25.91
N GLU A 217 23.21 -5.12 -25.27
CA GLU A 217 22.39 -4.78 -24.11
C GLU A 217 22.08 -3.29 -24.15
N ALA A 218 20.88 -2.94 -23.65
CA ALA A 218 20.47 -1.55 -23.53
C ALA A 218 19.36 -1.47 -22.49
N ARG A 219 19.05 -0.24 -22.06
CA ARG A 219 18.11 -0.02 -20.98
C ARG A 219 17.04 0.97 -21.44
N GLY A 220 15.80 0.76 -20.98
CA GLY A 220 14.74 1.74 -21.15
C GLY A 220 15.08 3.03 -20.41
N SER A 221 14.58 4.14 -20.94
CA SER A 221 14.83 5.46 -20.37
C SER A 221 13.62 5.91 -19.56
N PHE A 222 13.84 6.18 -18.27
CA PHE A 222 12.82 6.73 -17.39
C PHE A 222 13.44 7.27 -16.11
N SER A 223 12.69 8.10 -15.38
CA SER A 223 13.09 8.61 -14.08
C SER A 223 12.28 7.94 -12.97
N GLN A 224 12.67 8.20 -11.71
CA GLN A 224 11.95 7.66 -10.57
C GLN A 224 10.49 8.14 -10.59
N ALA A 225 10.27 9.35 -11.11
CA ALA A 225 8.94 9.95 -11.22
C ALA A 225 8.03 9.13 -12.14
N ASP A 226 8.61 8.34 -13.03
CA ASP A 226 7.84 7.58 -14.02
C ASP A 226 7.39 6.23 -13.47
N VAL A 227 7.82 5.89 -12.24
CA VAL A 227 7.36 4.67 -11.60
C VAL A 227 6.15 5.02 -10.71
N HIS A 228 4.99 4.46 -11.07
CA HIS A 228 3.73 4.82 -10.46
C HIS A 228 3.35 3.81 -9.38
N ARG A 229 3.45 4.22 -8.12
CA ARG A 229 2.99 3.44 -6.97
C ARG A 229 3.59 2.04 -7.00
N GLN A 230 4.85 1.94 -7.44
CA GLN A 230 5.66 0.73 -7.35
C GLN A 230 5.21 -0.37 -8.32
N VAL A 231 4.16 -0.17 -9.12
CA VAL A 231 3.56 -1.27 -9.87
C VAL A 231 3.37 -0.90 -11.35
N ALA A 232 3.91 0.24 -11.79
CA ALA A 232 3.81 0.63 -13.19
C ALA A 232 5.00 1.51 -13.55
N ILE A 233 5.54 1.28 -14.77
CA ILE A 233 6.67 2.04 -15.28
C ILE A 233 6.30 2.55 -16.67
N VAL A 234 6.45 3.87 -16.88
CA VAL A 234 6.36 4.46 -18.20
C VAL A 234 7.76 4.84 -18.64
N PHE A 235 8.25 4.23 -19.72
CA PHE A 235 9.61 4.42 -20.17
C PHE A 235 9.66 4.53 -21.69
N ARG A 236 10.83 4.98 -22.19
CA ARG A 236 11.09 5.07 -23.61
C ARG A 236 12.08 3.97 -24.00
N THR A 237 11.82 3.31 -25.14
CA THR A 237 12.70 2.28 -25.64
C THR A 237 14.07 2.88 -26.01
N PRO A 238 15.18 2.15 -25.78
CA PRO A 238 16.48 2.58 -26.30
C PRO A 238 16.55 2.30 -27.80
N PRO A 239 17.48 2.94 -28.52
CA PRO A 239 17.74 2.60 -29.92
C PRO A 239 18.34 1.20 -29.98
N TYR A 240 18.05 0.48 -31.07
CA TYR A 240 18.69 -0.80 -31.32
C TYR A 240 20.10 -0.54 -31.85
N ALA A 241 20.97 -1.55 -31.70
CA ALA A 241 22.34 -1.51 -32.18
C ALA A 241 22.41 -1.01 -33.63
N ASP A 242 21.52 -1.53 -34.48
CA ASP A 242 21.51 -1.23 -35.90
C ASP A 242 20.36 -0.29 -36.24
N PRO A 243 20.63 0.98 -36.62
CA PRO A 243 19.57 1.95 -36.93
C PRO A 243 18.99 1.83 -38.34
N SER A 244 19.61 0.98 -39.18
CA SER A 244 19.16 0.82 -40.56
C SER A 244 18.67 -0.61 -40.78
N LEU A 245 17.81 -1.09 -39.87
CA LEU A 245 17.19 -2.39 -40.01
C LEU A 245 16.41 -2.45 -41.33
N GLN A 246 16.55 -3.58 -42.03
CA GLN A 246 15.79 -3.84 -43.25
C GLN A 246 14.58 -4.72 -42.95
N ALA A 247 14.65 -5.50 -41.86
CA ALA A 247 13.53 -6.32 -41.42
C ALA A 247 13.48 -6.35 -39.89
N PRO A 248 12.33 -6.70 -39.28
CA PRO A 248 12.21 -6.77 -37.82
C PRO A 248 13.23 -7.71 -37.17
N VAL A 249 13.66 -7.34 -35.94
CA VAL A 249 14.56 -8.18 -35.17
C VAL A 249 13.95 -8.41 -33.79
N ARG A 250 13.95 -9.67 -33.37
CA ARG A 250 13.42 -10.05 -32.07
C ARG A 250 14.51 -9.90 -31.02
N VAL A 251 14.18 -9.20 -29.93
CA VAL A 251 15.06 -9.08 -28.79
C VAL A 251 14.27 -9.45 -27.54
N SER A 252 14.98 -9.59 -26.41
CA SER A 252 14.35 -9.88 -25.13
C SER A 252 14.23 -8.58 -24.33
N MET A 253 13.11 -8.45 -23.62
CA MET A 253 12.90 -7.35 -22.70
C MET A 253 12.52 -7.93 -21.35
N GLN A 254 13.16 -7.44 -20.28
CA GLN A 254 12.90 -7.94 -18.94
C GLN A 254 13.20 -6.84 -17.92
N LEU A 255 12.55 -6.95 -16.77
CA LEU A 255 12.88 -6.12 -15.62
C LEU A 255 14.22 -6.58 -15.07
N ARG A 256 15.03 -5.63 -14.59
CA ARG A 256 16.28 -5.95 -13.91
C ARG A 256 16.37 -5.11 -12.63
N ARG A 257 16.81 -5.77 -11.55
CA ARG A 257 17.05 -5.10 -10.27
C ARG A 257 18.56 -4.97 -10.08
N PRO A 258 19.15 -3.77 -10.25
CA PRO A 258 20.62 -3.62 -10.18
C PRO A 258 21.28 -4.13 -8.90
N SER A 259 20.59 -4.01 -7.76
CA SER A 259 21.19 -4.30 -6.47
C SER A 259 21.70 -5.73 -6.40
N ASP A 260 20.87 -6.69 -6.85
CA ASP A 260 21.26 -8.10 -6.81
C ASP A 260 21.30 -8.70 -8.22
N ARG A 261 21.09 -7.86 -9.24
CA ARG A 261 21.17 -8.26 -10.65
C ARG A 261 20.12 -9.35 -10.95
N GLU A 262 18.98 -9.30 -10.25
CA GLU A 262 17.88 -10.21 -10.51
C GLU A 262 17.20 -9.83 -11.82
N LEU A 263 16.64 -10.83 -12.53
CA LEU A 263 15.97 -10.62 -13.79
C LEU A 263 14.58 -11.21 -13.74
N SER A 264 13.62 -10.55 -14.40
CA SER A 264 12.33 -11.16 -14.67
C SER A 264 12.47 -12.16 -15.81
N GLU A 265 11.43 -12.97 -16.01
CA GLU A 265 11.34 -13.81 -17.20
C GLU A 265 11.40 -12.89 -18.43
N PRO A 266 12.10 -13.31 -19.51
CA PRO A 266 12.20 -12.48 -20.71
C PRO A 266 10.88 -12.44 -21.48
N MET A 267 10.72 -11.39 -22.26
CA MET A 267 9.52 -11.14 -23.06
C MET A 267 9.97 -10.67 -24.44
N GLU A 268 9.26 -11.09 -25.50
CA GLU A 268 9.67 -10.82 -26.86
C GLU A 268 9.31 -9.38 -27.24
N PHE A 269 10.31 -8.64 -27.74
CA PHE A 269 10.11 -7.32 -28.30
C PHE A 269 10.73 -7.30 -29.69
N GLN A 270 10.03 -6.69 -30.67
CA GLN A 270 10.53 -6.61 -32.03
C GLN A 270 10.87 -5.17 -32.39
N TYR A 271 12.14 -4.94 -32.72
CA TYR A 271 12.56 -3.68 -33.32
C TYR A 271 12.24 -3.72 -34.81
N LEU A 272 11.69 -2.61 -35.33
CA LEU A 272 11.21 -2.54 -36.69
C LEU A 272 12.04 -1.54 -37.48
N PRO A 273 12.16 -1.72 -38.83
CA PRO A 273 12.70 -0.67 -39.69
C PRO A 273 11.96 0.64 -39.56
N ASP A 274 12.68 1.76 -39.73
CA ASP A 274 12.07 3.08 -39.72
C ASP A 274 12.46 3.80 -41.01
N THR A 275 11.45 4.08 -41.84
CA THR A 275 11.67 4.71 -43.14
C THR A 275 12.19 6.14 -42.93
N ASP A 276 11.37 6.99 -42.31
CA ASP A 276 11.75 8.35 -41.99
C ASP A 276 10.74 8.96 -41.01
N ASP A 277 11.21 9.90 -40.19
CA ASP A 277 10.36 10.68 -39.30
C ASP A 277 10.45 12.16 -39.69
N MET B 1 -32.68 37.07 16.78
CA MET B 1 -31.46 36.29 17.14
C MET B 1 -30.41 36.43 16.03
N PRO B 2 -29.13 36.71 16.36
CA PRO B 2 -28.04 36.56 15.40
C PRO B 2 -27.94 35.12 14.90
N TYR B 3 -27.16 34.90 13.85
CA TYR B 3 -26.98 33.56 13.31
C TYR B 3 -25.63 33.45 12.60
N VAL B 4 -25.20 32.19 12.42
CA VAL B 4 -23.91 31.88 11.83
C VAL B 4 -24.12 31.53 10.35
N GLU B 5 -23.23 32.06 9.50
CA GLU B 5 -23.23 31.74 8.08
C GLU B 5 -21.85 31.17 7.73
N ILE B 6 -21.84 30.07 6.97
CA ILE B 6 -20.61 29.51 6.44
C ILE B 6 -20.36 30.15 5.07
N ILE B 7 -19.37 31.05 5.01
CA ILE B 7 -19.05 31.75 3.77
C ILE B 7 -17.94 31.00 3.02
N GLU B 8 -17.14 30.20 3.74
CA GLU B 8 -16.17 29.31 3.11
C GLU B 8 -16.31 27.91 3.71
N GLN B 9 -16.93 27.00 2.94
CA GLN B 9 -17.02 25.60 3.31
C GLN B 9 -15.64 24.96 3.29
N PRO B 10 -15.43 23.84 4.01
CA PRO B 10 -14.19 23.07 3.90
C PRO B 10 -14.16 22.28 2.60
N LYS B 11 -12.96 22.03 2.08
CA LYS B 11 -12.81 21.18 0.91
C LYS B 11 -13.19 19.76 1.31
N GLN B 12 -13.95 19.08 0.44
CA GLN B 12 -14.54 17.80 0.78
C GLN B 12 -13.52 16.67 0.59
N ARG B 13 -12.80 16.69 -0.53
CA ARG B 13 -11.92 15.60 -0.91
C ARG B 13 -10.46 16.06 -0.87
N GLY B 14 -9.54 15.10 -0.70
CA GLY B 14 -8.12 15.35 -0.92
C GLY B 14 -7.27 15.25 0.35
N MET B 15 -7.89 15.38 1.53
CA MET B 15 -7.15 15.44 2.78
C MET B 15 -7.27 14.11 3.52
N ARG B 16 -6.14 13.62 4.06
CA ARG B 16 -6.14 12.41 4.85
C ARG B 16 -6.49 12.75 6.30
N PHE B 17 -7.33 11.91 6.92
CA PHE B 17 -7.43 11.88 8.38
C PHE B 17 -6.16 11.22 8.89
N ARG B 18 -5.55 11.78 9.95
CA ARG B 18 -4.29 11.26 10.46
C ARG B 18 -4.54 10.52 11.77
N TYR B 19 -3.77 9.45 11.99
CA TYR B 19 -3.80 8.72 13.24
C TYR B 19 -2.92 9.42 14.27
N LYS B 20 -3.17 9.13 15.55
CA LYS B 20 -2.40 9.70 16.64
C LYS B 20 -0.93 9.33 16.52
N CYS B 21 -0.64 8.13 15.97
CA CYS B 21 0.72 7.65 15.77
C CYS B 21 1.50 8.54 14.81
N GLU B 22 0.79 9.30 13.94
CA GLU B 22 1.43 10.14 12.95
C GLU B 22 1.81 11.49 13.54
N GLY B 23 1.23 11.85 14.69
CA GLY B 23 1.58 13.09 15.38
C GLY B 23 0.41 13.69 16.15
N ARG B 24 0.70 14.75 16.90
CA ARG B 24 -0.31 15.45 17.69
C ARG B 24 -1.22 16.25 16.77
N SER B 25 -0.61 17.07 15.90
CA SER B 25 -1.34 17.84 14.91
C SER B 25 -1.55 17.02 13.64
N ALA B 26 -2.54 17.43 12.85
CA ALA B 26 -2.94 16.71 11.65
C ALA B 26 -3.19 17.68 10.49
N GLY B 27 -2.34 18.72 10.41
CA GLY B 27 -2.43 19.70 9.35
C GLY B 27 -3.60 20.67 9.55
N SER B 28 -4.08 21.24 8.43
CA SER B 28 -5.17 22.20 8.47
C SER B 28 -6.14 21.94 7.31
N ILE B 29 -7.44 21.86 7.63
CA ILE B 29 -8.47 21.65 6.63
C ILE B 29 -8.49 22.87 5.72
N PRO B 30 -8.34 22.71 4.39
CA PRO B 30 -8.46 23.83 3.45
C PRO B 30 -9.91 24.17 3.10
N GLY B 31 -10.13 25.41 2.67
CA GLY B 31 -11.41 25.83 2.13
C GLY B 31 -11.63 25.26 0.73
N GLU B 32 -12.90 25.22 0.30
CA GLU B 32 -13.28 24.57 -0.94
C GLU B 32 -12.70 25.32 -2.15
N ARG B 33 -12.47 26.63 -1.99
CA ARG B 33 -11.92 27.46 -3.06
C ARG B 33 -10.44 27.74 -2.81
N SER B 34 -9.74 26.76 -2.21
CA SER B 34 -8.30 26.85 -2.00
C SER B 34 -7.59 26.32 -3.24
N THR B 35 -6.53 27.02 -3.70
CA THR B 35 -5.80 26.63 -4.89
C THR B 35 -4.30 26.87 -4.72
N ASP B 36 -3.79 26.62 -3.51
CA ASP B 36 -2.35 26.63 -3.23
C ASP B 36 -1.80 28.06 -3.29
N THR B 37 -1.90 28.71 -4.46
CA THR B 37 -1.60 30.12 -4.59
C THR B 37 -2.53 30.91 -3.67
N THR B 38 -3.84 30.71 -3.86
CA THR B 38 -4.86 31.26 -2.98
C THR B 38 -5.23 30.20 -1.95
N LYS B 39 -4.55 30.24 -0.80
CA LYS B 39 -4.69 29.22 0.23
C LYS B 39 -5.73 29.67 1.25
N THR B 40 -6.94 29.12 1.14
CA THR B 40 -8.07 29.54 1.98
C THR B 40 -8.35 28.48 3.04
N HIS B 41 -9.19 28.85 4.02
CA HIS B 41 -9.55 27.97 5.13
C HIS B 41 -11.03 28.13 5.44
N PRO B 42 -11.66 27.16 6.16
CA PRO B 42 -13.06 27.30 6.58
C PRO B 42 -13.28 28.61 7.34
N THR B 43 -14.35 29.33 6.97
CA THR B 43 -14.62 30.63 7.57
C THR B 43 -16.13 30.80 7.76
N ILE B 44 -16.50 31.52 8.82
CA ILE B 44 -17.90 31.76 9.14
C ILE B 44 -18.12 33.26 9.29
N LYS B 45 -19.37 33.67 9.03
CA LYS B 45 -19.82 35.03 9.24
C LYS B 45 -20.93 35.02 10.29
N ILE B 46 -20.79 35.86 11.32
CA ILE B 46 -21.80 35.98 12.36
C ILE B 46 -22.62 37.23 12.09
N ASN B 47 -23.81 37.04 11.52
CA ASN B 47 -24.70 38.12 11.15
C ASN B 47 -25.46 38.62 12.38
N GLY B 48 -25.40 39.93 12.63
CA GLY B 48 -26.24 40.57 13.62
C GLY B 48 -25.59 40.65 15.01
N TYR B 49 -24.27 40.45 15.07
CA TYR B 49 -23.54 40.59 16.33
C TYR B 49 -22.07 40.81 16.05
N THR B 50 -21.43 41.62 16.90
CA THR B 50 -19.98 41.76 16.92
C THR B 50 -19.57 42.15 18.33
N GLY B 51 -18.59 41.43 18.88
CA GLY B 51 -18.17 41.61 20.27
C GLY B 51 -17.67 40.31 20.88
N PRO B 52 -17.42 40.27 22.21
CA PRO B 52 -16.89 39.06 22.86
C PRO B 52 -17.84 37.87 22.80
N GLY B 53 -17.29 36.68 23.03
CA GLY B 53 -18.04 35.44 22.89
C GLY B 53 -17.12 34.25 22.66
N THR B 54 -17.71 33.11 22.30
CA THR B 54 -16.94 31.89 22.11
C THR B 54 -17.44 31.14 20.88
N VAL B 55 -16.54 30.38 20.25
CA VAL B 55 -16.88 29.52 19.13
C VAL B 55 -16.31 28.13 19.43
N ARG B 56 -17.18 27.12 19.39
CA ARG B 56 -16.76 25.74 19.46
C ARG B 56 -16.99 25.09 18.10
N ILE B 57 -16.02 24.30 17.64
CA ILE B 57 -16.18 23.51 16.44
C ILE B 57 -15.98 22.04 16.81
N SER B 58 -16.94 21.21 16.45
CA SER B 58 -16.86 19.78 16.73
C SER B 58 -17.15 18.99 15.46
N LEU B 59 -16.86 17.68 15.51
CA LEU B 59 -17.16 16.77 14.42
C LEU B 59 -18.45 16.03 14.73
N VAL B 60 -19.35 15.98 13.75
CA VAL B 60 -20.56 15.20 13.83
C VAL B 60 -20.62 14.27 12.62
N THR B 61 -21.54 13.29 12.70
CA THR B 61 -21.71 12.32 11.64
C THR B 61 -22.26 13.01 10.39
N LYS B 62 -21.97 12.41 9.23
CA LYS B 62 -22.40 12.94 7.94
C LYS B 62 -23.92 12.96 7.86
N ASP B 63 -24.54 11.85 8.27
CA ASP B 63 -25.99 11.68 8.12
C ASP B 63 -26.68 11.97 9.46
N PRO B 64 -27.96 12.40 9.43
CA PRO B 64 -28.74 12.61 10.65
C PRO B 64 -29.19 11.29 11.27
N PRO B 65 -29.42 11.21 12.60
CA PRO B 65 -29.19 12.34 13.51
C PRO B 65 -27.70 12.60 13.64
N HIS B 66 -27.34 13.88 13.73
CA HIS B 66 -25.94 14.29 13.69
C HIS B 66 -25.30 14.03 15.05
N ARG B 67 -24.93 12.76 15.25
CA ARG B 67 -24.29 12.30 16.48
C ARG B 67 -22.87 12.84 16.52
N PRO B 68 -22.26 13.03 17.72
CA PRO B 68 -20.84 13.36 17.80
C PRO B 68 -20.00 12.23 17.21
N HIS B 69 -18.99 12.60 16.42
CA HIS B 69 -18.18 11.63 15.69
C HIS B 69 -17.09 11.12 16.60
N PRO B 70 -16.66 9.83 16.51
CA PRO B 70 -15.54 9.32 17.29
C PRO B 70 -14.20 9.99 16.99
N HIS B 71 -14.04 10.49 15.77
CA HIS B 71 -12.80 11.17 15.38
C HIS B 71 -12.66 12.49 16.15
N GLU B 72 -11.44 13.03 16.14
CA GLU B 72 -11.08 14.18 16.95
C GLU B 72 -10.58 15.32 16.06
N LEU B 73 -10.99 16.54 16.43
CA LEU B 73 -10.41 17.75 15.90
C LEU B 73 -9.15 18.06 16.72
N VAL B 74 -8.03 18.31 16.04
CA VAL B 74 -6.76 18.58 16.71
C VAL B 74 -6.12 19.80 16.07
N GLY B 75 -5.22 20.44 16.84
CA GLY B 75 -4.55 21.66 16.42
C GLY B 75 -4.65 22.76 17.47
N LYS B 76 -4.50 24.02 17.02
CA LYS B 76 -4.48 25.17 17.91
C LYS B 76 -5.87 25.34 18.54
N ASP B 77 -5.89 25.47 19.87
CA ASP B 77 -7.11 25.72 20.64
C ASP B 77 -8.04 24.52 20.58
N CYS B 78 -7.49 23.32 20.35
CA CYS B 78 -8.26 22.09 20.38
C CYS B 78 -7.97 21.34 21.67
N ARG B 79 -9.02 20.71 22.22
CA ARG B 79 -8.90 19.89 23.43
C ARG B 79 -10.08 18.92 23.47
N ASP B 80 -9.79 17.67 23.83
CA ASP B 80 -10.78 16.62 23.97
C ASP B 80 -11.58 16.45 22.68
N GLY B 81 -10.92 16.68 21.53
CA GLY B 81 -11.49 16.35 20.23
C GLY B 81 -12.33 17.47 19.62
N TYR B 82 -12.36 18.65 20.25
CA TYR B 82 -13.08 19.78 19.68
C TYR B 82 -12.23 21.05 19.78
N TYR B 83 -12.53 22.00 18.90
CA TYR B 83 -11.90 23.31 18.91
C TYR B 83 -12.76 24.25 19.74
N GLU B 84 -12.12 25.06 20.60
CA GLU B 84 -12.83 26.09 21.33
C GLU B 84 -11.88 27.25 21.62
N ALA B 85 -12.31 28.46 21.23
CA ALA B 85 -11.51 29.66 21.40
C ALA B 85 -12.41 30.89 21.49
N ASP B 86 -11.84 31.98 22.03
CA ASP B 86 -12.53 33.25 22.14
C ASP B 86 -12.87 33.77 20.75
N LEU B 87 -14.08 34.32 20.61
CA LEU B 87 -14.52 34.96 19.38
C LEU B 87 -13.85 36.32 19.28
N CYS B 88 -13.32 36.65 18.09
CA CYS B 88 -12.62 37.91 17.89
C CYS B 88 -13.61 39.07 18.03
N PRO B 89 -13.42 39.98 19.03
CA PRO B 89 -14.35 41.09 19.23
C PRO B 89 -14.48 42.04 18.04
N ASP B 90 -13.38 42.25 17.32
CA ASP B 90 -13.29 43.29 16.31
C ASP B 90 -14.08 42.91 15.06
N ARG B 91 -13.87 41.69 14.57
CA ARG B 91 -14.40 41.27 13.28
C ARG B 91 -15.62 40.38 13.47
N SER B 92 -16.48 40.35 12.44
CA SER B 92 -17.62 39.44 12.39
C SER B 92 -17.33 38.26 11.47
N ILE B 93 -16.13 38.24 10.87
CA ILE B 93 -15.68 37.15 10.00
C ILE B 93 -14.55 36.42 10.72
N HIS B 94 -14.59 35.08 10.68
CA HIS B 94 -13.72 34.26 11.51
C HIS B 94 -13.20 33.09 10.68
N SER B 95 -11.87 32.96 10.61
CA SER B 95 -11.22 31.90 9.87
C SER B 95 -10.55 30.93 10.84
N PHE B 96 -10.51 29.65 10.44
CA PHE B 96 -9.94 28.59 11.27
C PHE B 96 -8.88 27.88 10.45
N GLN B 97 -7.61 28.16 10.76
CA GLN B 97 -6.51 27.89 9.85
C GLN B 97 -5.65 26.72 10.33
N ASN B 98 -6.07 26.04 11.40
CA ASN B 98 -5.28 24.92 11.91
C ASN B 98 -6.21 23.82 12.44
N LEU B 99 -7.27 23.50 11.68
CA LEU B 99 -8.15 22.40 12.00
C LEU B 99 -7.61 21.12 11.37
N GLY B 100 -7.28 20.14 12.21
CA GLY B 100 -6.88 18.82 11.74
C GLY B 100 -7.86 17.75 12.21
N ILE B 101 -8.05 16.71 11.39
CA ILE B 101 -8.90 15.59 11.74
C ILE B 101 -8.03 14.39 12.10
N GLN B 102 -8.09 13.98 13.37
CA GLN B 102 -7.37 12.82 13.87
C GLN B 102 -8.34 11.65 13.98
N CYS B 103 -8.10 10.59 13.21
CA CYS B 103 -8.98 9.44 13.20
C CYS B 103 -8.60 8.48 14.31
N VAL B 104 -9.63 7.98 15.01
CA VAL B 104 -9.48 6.98 16.05
C VAL B 104 -9.48 5.60 15.38
N LYS B 105 -8.79 4.63 15.99
CA LYS B 105 -8.76 3.27 15.48
C LYS B 105 -10.08 2.58 15.77
N LYS B 106 -10.41 1.56 14.99
CA LYS B 106 -11.72 0.92 15.05
C LYS B 106 -11.93 0.25 16.41
N ARG B 107 -10.84 -0.20 17.05
CA ARG B 107 -10.94 -0.90 18.32
C ARG B 107 -11.10 0.08 19.48
N ASP B 108 -10.83 1.37 19.26
CA ASP B 108 -10.98 2.38 20.29
C ASP B 108 -12.26 3.20 20.09
N LEU B 109 -13.22 2.65 19.35
CA LEU B 109 -14.42 3.37 18.98
C LEU B 109 -15.27 3.65 20.22
N GLU B 110 -15.48 2.64 21.07
CA GLU B 110 -16.34 2.76 22.23
C GLU B 110 -15.76 3.78 23.21
N GLN B 111 -14.43 3.76 23.35
CA GLN B 111 -13.72 4.69 24.22
C GLN B 111 -13.92 6.12 23.74
N ALA B 112 -13.82 6.34 22.42
CA ALA B 112 -13.93 7.66 21.85
C ALA B 112 -15.31 8.25 22.14
N ILE B 113 -16.36 7.45 21.88
CA ILE B 113 -17.74 7.89 22.06
C ILE B 113 -17.98 8.23 23.53
N SER B 114 -17.40 7.45 24.45
CA SER B 114 -17.50 7.71 25.87
C SER B 114 -16.93 9.09 26.22
N GLN B 115 -15.84 9.47 25.54
CA GLN B 115 -15.20 10.76 25.78
C GLN B 115 -16.10 11.89 25.28
N ARG B 116 -16.81 11.65 24.16
CA ARG B 116 -17.68 12.67 23.59
C ARG B 116 -18.82 12.96 24.58
N ILE B 117 -19.39 11.91 25.16
CA ILE B 117 -20.48 12.02 26.10
C ILE B 117 -19.97 12.72 27.37
N GLN B 118 -18.78 12.31 27.84
CA GLN B 118 -18.24 12.79 29.10
C GLN B 118 -17.93 14.29 29.02
N THR B 119 -17.56 14.77 27.83
CA THR B 119 -17.13 16.14 27.65
C THR B 119 -18.29 17.03 27.17
N ASN B 120 -19.52 16.49 27.20
CA ASN B 120 -20.72 17.23 26.79
C ASN B 120 -20.54 17.72 25.36
N ASN B 121 -19.95 16.86 24.52
CA ASN B 121 -19.74 17.16 23.12
C ASN B 121 -20.85 16.46 22.33
N ASN B 122 -21.99 17.14 22.23
CA ASN B 122 -23.17 16.57 21.60
C ASN B 122 -24.05 17.73 21.15
N PRO B 123 -23.66 18.44 20.07
CA PRO B 123 -24.31 19.68 19.65
C PRO B 123 -25.83 19.61 19.47
N PHE B 124 -26.32 18.46 19.01
CA PHE B 124 -27.74 18.28 18.70
C PHE B 124 -28.44 17.47 19.79
N HIS B 125 -27.73 17.18 20.89
CA HIS B 125 -28.31 16.56 22.07
C HIS B 125 -29.01 15.26 21.71
N VAL B 126 -28.31 14.41 20.94
CA VAL B 126 -28.84 13.11 20.54
C VAL B 126 -28.79 12.19 21.76
N PRO B 127 -29.90 11.47 22.08
CA PRO B 127 -29.88 10.48 23.16
C PRO B 127 -28.80 9.42 23.00
N ILE B 128 -28.28 8.91 24.12
CA ILE B 128 -27.19 7.95 24.11
C ILE B 128 -27.64 6.63 23.48
N GLU B 129 -28.96 6.41 23.42
CA GLU B 129 -29.53 5.19 22.83
C GLU B 129 -29.12 5.07 21.37
N GLU B 130 -28.97 6.22 20.69
CA GLU B 130 -28.76 6.25 19.25
C GLU B 130 -27.27 6.36 18.91
N GLN B 131 -26.39 6.25 19.91
CA GLN B 131 -24.96 6.44 19.71
C GLN B 131 -24.22 5.10 19.77
N ARG B 132 -24.89 4.02 19.39
CA ARG B 132 -24.31 2.67 19.46
C ARG B 132 -24.06 2.10 18.07
N GLY B 133 -24.92 2.44 17.09
CA GLY B 133 -24.88 1.83 15.77
C GLY B 133 -23.68 2.28 14.94
N ASP B 134 -23.74 1.99 13.63
CA ASP B 134 -22.57 2.08 12.75
C ASP B 134 -22.19 3.54 12.50
N TYR B 135 -20.90 3.83 12.68
CA TYR B 135 -20.32 5.11 12.30
C TYR B 135 -19.58 4.98 10.97
N ASP B 136 -19.80 5.96 10.08
CA ASP B 136 -19.00 6.12 8.89
C ASP B 136 -17.71 6.83 9.28
N LEU B 137 -16.61 6.07 9.37
CA LEU B 137 -15.35 6.60 9.87
C LEU B 137 -14.57 7.29 8.75
N ASN B 138 -15.16 7.40 7.55
CA ASN B 138 -14.48 7.99 6.42
C ASN B 138 -15.03 9.38 6.12
N ALA B 139 -16.03 9.83 6.88
CA ALA B 139 -16.71 11.09 6.61
C ALA B 139 -17.13 11.76 7.92
N VAL B 140 -16.99 13.10 7.96
CA VAL B 140 -17.40 13.91 9.09
C VAL B 140 -17.97 15.22 8.56
N ARG B 141 -18.74 15.92 9.42
CA ARG B 141 -19.10 17.30 9.21
C ARG B 141 -18.55 18.15 10.36
N LEU B 142 -18.16 19.38 10.05
CA LEU B 142 -17.88 20.39 11.06
C LEU B 142 -19.20 20.92 11.60
N CYS B 143 -19.25 21.14 12.91
CA CYS B 143 -20.41 21.75 13.56
C CYS B 143 -19.96 23.01 14.30
N PHE B 144 -20.43 24.17 13.81
CA PHE B 144 -20.04 25.46 14.36
C PHE B 144 -21.05 25.89 15.43
N GLN B 145 -20.56 26.00 16.67
CA GLN B 145 -21.40 26.33 17.81
C GLN B 145 -20.90 27.64 18.42
N VAL B 146 -21.59 28.74 18.10
CA VAL B 146 -21.17 30.06 18.52
C VAL B 146 -22.03 30.52 19.69
N THR B 147 -21.36 31.06 20.73
CA THR B 147 -22.06 31.71 21.83
C THR B 147 -21.69 33.19 21.84
N VAL B 148 -22.74 34.03 21.81
CA VAL B 148 -22.59 35.48 21.87
C VAL B 148 -23.14 35.96 23.22
N ARG B 149 -23.26 37.28 23.39
CA ARG B 149 -23.74 37.86 24.63
C ARG B 149 -24.94 38.75 24.34
N ASP B 150 -25.88 38.79 25.30
CA ASP B 150 -26.94 39.80 25.27
C ASP B 150 -26.36 41.08 25.85
N PRO B 151 -27.10 42.21 25.85
CA PRO B 151 -26.59 43.48 26.36
C PRO B 151 -26.11 43.46 27.81
N ALA B 152 -26.61 42.52 28.62
CA ALA B 152 -26.24 42.41 30.01
C ALA B 152 -25.12 41.40 30.23
N GLY B 153 -24.74 40.68 29.16
CA GLY B 153 -23.63 39.75 29.22
C GLY B 153 -24.07 38.30 29.41
N ARG B 154 -25.37 38.03 29.30
CA ARG B 154 -25.88 36.67 29.33
C ARG B 154 -25.40 35.93 28.08
N PRO B 155 -24.85 34.69 28.21
CA PRO B 155 -24.56 33.86 27.05
C PRO B 155 -25.81 33.55 26.22
N LEU B 156 -25.72 33.77 24.90
CA LEU B 156 -26.75 33.37 23.97
C LEU B 156 -26.16 32.37 22.98
N LEU B 157 -26.62 31.12 23.04
CA LEU B 157 -26.15 30.07 22.15
C LEU B 157 -26.91 30.16 20.83
N LEU B 158 -26.20 30.50 19.76
CA LEU B 158 -26.77 30.55 18.43
C LEU B 158 -27.01 29.12 17.94
N THR B 159 -27.94 28.98 16.99
CA THR B 159 -28.24 27.68 16.41
C THR B 159 -26.97 27.10 15.79
N PRO B 160 -26.64 25.81 16.04
CA PRO B 160 -25.45 25.21 15.43
C PRO B 160 -25.65 25.01 13.92
N VAL B 161 -24.59 25.23 13.14
CA VAL B 161 -24.65 25.07 11.69
C VAL B 161 -23.60 24.04 11.26
N LEU B 162 -24.00 23.19 10.31
CA LEU B 162 -23.18 22.11 9.80
C LEU B 162 -22.48 22.55 8.51
N SER B 163 -21.25 22.07 8.32
CA SER B 163 -20.55 22.22 7.04
C SER B 163 -20.96 21.09 6.10
N HIS B 164 -20.48 21.18 4.85
CA HIS B 164 -20.48 20.05 3.94
C HIS B 164 -19.59 18.96 4.51
N PRO B 165 -19.77 17.67 4.12
CA PRO B 165 -18.95 16.58 4.63
C PRO B 165 -17.49 16.66 4.16
N ILE B 166 -16.59 16.18 5.02
CA ILE B 166 -15.19 16.03 4.69
C ILE B 166 -14.87 14.53 4.68
N PHE B 167 -14.20 14.09 3.61
CA PHE B 167 -13.97 12.68 3.34
C PHE B 167 -12.49 12.35 3.48
N ASP B 168 -12.19 11.20 4.11
CA ASP B 168 -10.83 10.76 4.30
C ASP B 168 -10.25 10.35 2.95
N ASN B 169 -9.09 10.93 2.58
CA ASN B 169 -8.47 10.66 1.30
C ASN B 169 -7.74 9.32 1.31
N ARG B 170 -7.39 8.82 2.50
CA ARG B 170 -6.64 7.57 2.62
C ARG B 170 -7.57 6.37 2.51
N ALA B 171 -8.88 6.59 2.75
CA ALA B 171 -9.87 5.53 2.64
C ALA B 171 -10.16 5.25 1.17
N PRO B 172 -10.40 3.98 0.79
CA PRO B 172 -10.49 3.59 -0.62
C PRO B 172 -11.71 4.14 -1.35
N ASN B 173 -12.87 4.18 -0.66
CA ASN B 173 -14.14 4.48 -1.29
C ASN B 173 -14.50 5.96 -1.16
N THR B 174 -13.66 6.75 -0.48
CA THR B 174 -13.92 8.17 -0.32
C THR B 174 -12.73 9.00 -0.79
N ALA B 175 -11.75 8.35 -1.43
CA ALA B 175 -10.56 9.04 -1.91
C ALA B 175 -10.93 9.89 -3.11
N GLU B 176 -10.10 10.91 -3.37
CA GLU B 176 -10.26 11.73 -4.56
C GLU B 176 -9.96 10.86 -5.78
N LEU B 177 -10.85 10.89 -6.79
CA LEU B 177 -10.61 10.23 -8.06
C LEU B 177 -9.67 11.10 -8.89
N LYS B 178 -8.59 10.50 -9.39
CA LYS B 178 -7.58 11.24 -10.13
C LYS B 178 -6.97 10.35 -11.21
N ILE B 179 -7.05 10.79 -12.46
CA ILE B 179 -6.31 10.19 -13.56
C ILE B 179 -4.92 10.84 -13.56
N CYS B 180 -3.87 10.01 -13.42
CA CYS B 180 -2.51 10.51 -13.35
C CYS B 180 -1.87 10.55 -14.74
N ARG B 181 -2.11 9.51 -15.55
CA ARG B 181 -1.45 9.39 -16.84
C ARG B 181 -2.20 8.40 -17.74
N VAL B 182 -2.17 8.65 -19.05
CA VAL B 182 -2.70 7.72 -20.04
C VAL B 182 -1.69 7.60 -21.18
N ASN B 183 -1.74 6.46 -21.89
CA ASN B 183 -0.81 6.19 -22.97
C ASN B 183 -1.19 6.97 -24.22
N ARG B 184 -2.46 7.35 -24.35
CA ARG B 184 -2.92 8.11 -25.51
C ARG B 184 -4.22 8.83 -25.16
N ASN B 185 -4.47 9.96 -25.84
CA ASN B 185 -5.65 10.79 -25.59
C ASN B 185 -6.41 11.01 -26.89
N SER B 186 -6.28 10.06 -27.84
CA SER B 186 -7.06 10.06 -29.05
C SER B 186 -7.17 8.64 -29.61
N GLY B 187 -8.19 8.39 -30.43
CA GLY B 187 -8.38 7.10 -31.07
C GLY B 187 -9.46 7.14 -32.15
N SER B 188 -9.75 5.98 -32.74
CA SER B 188 -10.72 5.86 -33.81
C SER B 188 -12.14 5.97 -33.25
N CYS B 189 -13.06 6.50 -34.06
CA CYS B 189 -14.46 6.67 -33.68
C CYS B 189 -15.17 5.32 -33.62
N LEU B 190 -14.56 4.29 -34.22
CA LEU B 190 -15.08 2.93 -34.15
C LEU B 190 -14.82 2.33 -32.77
N GLY B 191 -13.87 2.91 -32.03
CA GLY B 191 -13.57 2.46 -30.67
C GLY B 191 -12.65 1.24 -30.67
N GLY B 192 -12.50 0.63 -29.49
CA GLY B 192 -11.74 -0.60 -29.34
C GLY B 192 -10.24 -0.38 -29.21
N ASP B 193 -9.83 0.88 -28.96
CA ASP B 193 -8.42 1.19 -28.72
C ASP B 193 -8.10 0.91 -27.25
N GLU B 194 -6.93 0.31 -27.01
CA GLU B 194 -6.53 -0.09 -25.68
C GLU B 194 -5.84 1.08 -24.98
N ILE B 195 -6.39 1.46 -23.81
CA ILE B 195 -5.85 2.53 -22.99
C ILE B 195 -5.26 1.93 -21.72
N PHE B 196 -4.01 2.29 -21.42
CA PHE B 196 -3.41 2.07 -20.11
C PHE B 196 -3.52 3.36 -19.31
N LEU B 197 -4.28 3.31 -18.21
CA LEU B 197 -4.59 4.49 -17.42
C LEU B 197 -4.01 4.28 -16.02
N LEU B 198 -3.17 5.24 -15.58
CA LEU B 198 -2.64 5.22 -14.23
C LEU B 198 -3.45 6.20 -13.39
N CYS B 199 -3.82 5.78 -12.17
CA CYS B 199 -4.71 6.56 -11.33
C CYS B 199 -4.35 6.40 -9.86
N ASP B 200 -4.93 7.26 -9.02
CA ASP B 200 -4.88 7.07 -7.57
C ASP B 200 -5.75 5.86 -7.22
N LYS B 201 -5.59 5.39 -5.98
CA LYS B 201 -6.20 4.15 -5.50
C LYS B 201 -7.69 4.12 -5.81
N VAL B 202 -8.12 3.04 -6.48
CA VAL B 202 -9.52 2.76 -6.74
C VAL B 202 -9.84 1.36 -6.22
N GLN B 203 -11.15 1.05 -6.11
CA GLN B 203 -11.62 -0.30 -5.86
C GLN B 203 -12.17 -0.86 -7.16
N LYS B 204 -11.68 -2.06 -7.54
CA LYS B 204 -11.98 -2.65 -8.83
C LYS B 204 -13.48 -2.96 -8.97
N GLU B 205 -14.16 -3.17 -7.83
CA GLU B 205 -15.57 -3.51 -7.84
C GLU B 205 -16.44 -2.26 -7.92
N ASP B 206 -15.81 -1.07 -7.87
CA ASP B 206 -16.56 0.18 -7.76
C ASP B 206 -15.84 1.28 -8.53
N ILE B 207 -15.59 1.03 -9.84
CA ILE B 207 -14.93 2.01 -10.69
C ILE B 207 -15.35 1.77 -12.14
N GLU B 208 -15.45 2.86 -12.90
CA GLU B 208 -15.65 2.79 -14.33
C GLU B 208 -15.01 4.00 -14.98
N VAL B 209 -14.81 3.91 -16.30
CA VAL B 209 -14.26 5.02 -17.07
C VAL B 209 -15.39 5.61 -17.92
N TYR B 210 -15.66 6.90 -17.69
CA TYR B 210 -16.89 7.54 -18.11
C TYR B 210 -16.58 8.56 -19.20
N PHE B 211 -16.99 8.26 -20.44
CA PHE B 211 -16.83 9.15 -21.56
C PHE B 211 -18.13 9.95 -21.76
N THR B 212 -18.00 11.27 -21.92
CA THR B 212 -19.15 12.15 -22.09
C THR B 212 -18.83 13.28 -23.07
N GLY B 213 -19.87 13.68 -23.83
CA GLY B 213 -19.80 14.83 -24.70
C GLY B 213 -21.16 15.52 -24.80
N PRO B 214 -21.30 16.61 -25.60
CA PRO B 214 -22.59 17.27 -25.79
C PRO B 214 -23.67 16.29 -26.27
N GLY B 215 -24.43 15.74 -25.31
CA GLY B 215 -25.54 14.85 -25.59
C GLY B 215 -25.08 13.45 -25.98
N TRP B 216 -24.06 12.93 -25.27
CA TRP B 216 -23.54 11.59 -25.52
C TRP B 216 -22.93 11.04 -24.24
N GLU B 217 -23.00 9.71 -24.09
CA GLU B 217 -22.52 9.03 -22.90
C GLU B 217 -22.12 7.60 -23.27
N ALA B 218 -20.93 7.19 -22.81
CA ALA B 218 -20.43 5.84 -23.04
C ALA B 218 -19.44 5.47 -21.94
N ARG B 219 -19.01 4.20 -21.94
CA ARG B 219 -18.17 3.67 -20.87
C ARG B 219 -17.04 2.83 -21.45
N GLY B 220 -15.86 2.91 -20.83
CA GLY B 220 -14.73 2.08 -21.21
C GLY B 220 -14.99 0.62 -20.85
N SER B 221 -14.48 -0.27 -21.70
CA SER B 221 -14.73 -1.70 -21.56
C SER B 221 -13.55 -2.37 -20.86
N PHE B 222 -13.82 -2.96 -19.69
CA PHE B 222 -12.83 -3.74 -18.95
C PHE B 222 -13.51 -4.56 -17.87
N SER B 223 -12.80 -5.58 -17.38
CA SER B 223 -13.25 -6.40 -16.26
C SER B 223 -12.45 -6.04 -15.02
N GLN B 224 -12.86 -6.58 -13.87
CA GLN B 224 -12.20 -6.29 -12.59
C GLN B 224 -10.75 -6.77 -12.63
N ALA B 225 -10.49 -7.84 -13.39
CA ALA B 225 -9.16 -8.39 -13.54
C ALA B 225 -8.21 -7.41 -14.23
N ASP B 226 -8.76 -6.40 -14.92
CA ASP B 226 -7.95 -5.44 -15.66
C ASP B 226 -7.50 -4.27 -14.78
N VAL B 227 -7.97 -4.23 -13.53
CA VAL B 227 -7.53 -3.23 -12.58
C VAL B 227 -6.32 -3.79 -11.83
N HIS B 228 -5.16 -3.13 -12.00
CA HIS B 228 -3.89 -3.63 -11.52
C HIS B 228 -3.50 -2.93 -10.21
N ARG B 229 -3.57 -3.70 -9.11
CA ARG B 229 -3.15 -3.23 -7.79
C ARG B 229 -3.80 -1.89 -7.44
N GLN B 230 -5.05 -1.70 -7.89
CA GLN B 230 -5.89 -0.55 -7.51
C GLN B 230 -5.42 0.77 -8.11
N VAL B 231 -4.35 0.80 -8.92
CA VAL B 231 -3.76 2.07 -9.34
C VAL B 231 -3.56 2.13 -10.85
N ALA B 232 -4.12 1.18 -11.59
CA ALA B 232 -4.02 1.20 -13.04
C ALA B 232 -5.19 0.41 -13.64
N ILE B 233 -5.68 0.88 -14.80
CA ILE B 233 -6.77 0.24 -15.50
C ILE B 233 -6.37 0.10 -16.97
N VAL B 234 -6.54 -1.12 -17.50
CA VAL B 234 -6.41 -1.36 -18.93
C VAL B 234 -7.81 -1.58 -19.49
N PHE B 235 -8.23 -0.73 -20.43
CA PHE B 235 -9.58 -0.78 -20.95
C PHE B 235 -9.59 -0.42 -22.43
N ARG B 236 -10.69 -0.80 -23.11
CA ARG B 236 -10.90 -0.48 -24.51
C ARG B 236 -11.84 0.72 -24.60
N THR B 237 -11.54 1.66 -25.51
CA THR B 237 -12.39 2.81 -25.71
C THR B 237 -13.73 2.36 -26.30
N PRO B 238 -14.85 3.02 -25.94
CA PRO B 238 -16.14 2.74 -26.58
C PRO B 238 -16.20 3.37 -27.96
N PRO B 239 -17.04 2.85 -28.90
CA PRO B 239 -17.32 3.57 -30.13
C PRO B 239 -17.96 4.92 -29.84
N TYR B 240 -17.66 5.93 -30.67
CA TYR B 240 -18.39 7.17 -30.66
C TYR B 240 -19.72 6.96 -31.39
N ALA B 241 -20.65 7.90 -31.23
CA ALA B 241 -21.97 7.81 -31.87
C ALA B 241 -21.94 8.45 -33.25
N ASP B 242 -20.93 8.09 -34.06
CA ASP B 242 -20.79 8.57 -35.42
C ASP B 242 -19.61 7.84 -36.07
N PRO B 243 -19.78 6.56 -36.48
CA PRO B 243 -18.70 5.79 -37.10
C PRO B 243 -18.04 6.37 -38.35
N SER B 244 -18.67 7.40 -38.96
CA SER B 244 -18.08 8.10 -40.08
C SER B 244 -17.29 9.30 -39.59
N LEU B 245 -17.99 10.24 -38.94
CA LEU B 245 -17.39 11.37 -38.25
C LEU B 245 -16.89 12.43 -39.24
N GLN B 246 -15.82 12.09 -39.99
CA GLN B 246 -15.22 12.96 -41.00
C GLN B 246 -14.16 13.87 -40.37
N ALA B 247 -14.53 14.60 -39.31
CA ALA B 247 -13.63 15.53 -38.67
C ALA B 247 -13.46 15.18 -37.18
N PRO B 248 -12.27 15.38 -36.59
CA PRO B 248 -12.05 15.11 -35.15
C PRO B 248 -13.07 15.76 -34.22
N VAL B 249 -13.47 15.02 -33.18
CA VAL B 249 -14.36 15.53 -32.14
C VAL B 249 -13.77 15.17 -30.77
N ARG B 250 -13.79 16.16 -29.85
CA ARG B 250 -13.21 15.98 -28.53
C ARG B 250 -14.31 15.66 -27.53
N VAL B 251 -13.97 14.82 -26.54
CA VAL B 251 -14.90 14.43 -25.48
C VAL B 251 -14.13 14.40 -24.16
N SER B 252 -14.89 14.31 -23.05
CA SER B 252 -14.31 14.18 -21.73
C SER B 252 -14.18 12.70 -21.37
N MET B 253 -13.14 12.40 -20.59
CA MET B 253 -12.92 11.06 -20.05
C MET B 253 -12.64 11.20 -18.55
N GLN B 254 -13.43 10.48 -17.75
CA GLN B 254 -13.39 10.63 -16.30
C GLN B 254 -13.46 9.26 -15.64
N LEU B 255 -12.79 9.12 -14.49
CA LEU B 255 -13.06 8.04 -13.57
C LEU B 255 -14.39 8.34 -12.89
N ARG B 256 -15.20 7.29 -12.68
CA ARG B 256 -16.47 7.43 -11.99
C ARG B 256 -16.61 6.30 -10.97
N ARG B 257 -16.98 6.67 -9.74
CA ARG B 257 -17.25 5.71 -8.68
C ARG B 257 -18.77 5.57 -8.54
N PRO B 258 -19.38 4.50 -9.09
CA PRO B 258 -20.84 4.36 -9.11
C PRO B 258 -21.53 4.44 -7.75
N SER B 259 -20.84 4.07 -6.67
CA SER B 259 -21.42 4.00 -5.34
C SER B 259 -21.91 5.38 -4.88
N ASP B 260 -21.14 6.44 -5.15
CA ASP B 260 -21.50 7.78 -4.72
C ASP B 260 -21.50 8.76 -5.89
N ARG B 261 -21.32 8.25 -7.11
CA ARG B 261 -21.47 9.03 -8.33
C ARG B 261 -20.39 10.11 -8.46
N GLU B 262 -19.27 9.98 -7.72
CA GLU B 262 -18.21 10.97 -7.79
C GLU B 262 -17.43 10.78 -9.09
N LEU B 263 -16.84 11.89 -9.56
CA LEU B 263 -16.11 11.93 -10.82
C LEU B 263 -14.73 12.55 -10.59
N SER B 264 -13.74 12.06 -11.33
CA SER B 264 -12.44 12.74 -11.41
C SER B 264 -12.59 14.02 -12.22
N GLU B 265 -11.56 14.87 -12.17
CA GLU B 265 -11.42 15.94 -13.15
C GLU B 265 -11.40 15.32 -14.55
N PRO B 266 -12.05 15.95 -15.55
CA PRO B 266 -12.10 15.40 -16.90
C PRO B 266 -10.77 15.52 -17.63
N MET B 267 -10.44 14.46 -18.38
CA MET B 267 -9.29 14.45 -19.27
C MET B 267 -9.80 14.42 -20.70
N GLU B 268 -9.20 15.25 -21.57
CA GLU B 268 -9.65 15.39 -22.94
C GLU B 268 -9.30 14.14 -23.72
N PHE B 269 -10.27 13.63 -24.49
CA PHE B 269 -10.04 12.55 -25.44
C PHE B 269 -10.56 13.00 -26.81
N GLN B 270 -9.84 12.63 -27.88
CA GLN B 270 -10.19 13.04 -29.23
C GLN B 270 -10.52 11.81 -30.08
N TYR B 271 -11.77 11.72 -30.53
CA TYR B 271 -12.15 10.70 -31.51
C TYR B 271 -11.74 11.17 -32.90
N LEU B 272 -11.25 10.23 -33.72
CA LEU B 272 -10.72 10.52 -35.04
C LEU B 272 -11.50 9.74 -36.10
N PRO B 273 -11.53 10.21 -37.37
CA PRO B 273 -12.20 9.49 -38.44
C PRO B 273 -11.35 8.32 -38.94
N ASP B 274 -11.95 7.12 -38.97
CA ASP B 274 -11.27 5.90 -39.39
C ASP B 274 -9.98 5.73 -38.57
S SO4 E . 20.73 -9.03 10.02
O1 SO4 E . 21.53 -9.31 11.17
O2 SO4 E . 21.10 -9.90 8.94
O3 SO4 E . 19.34 -9.25 10.35
O4 SO4 E . 20.92 -7.66 9.62
S SO4 F . -2.46 -6.25 -23.28
O1 SO4 F . -1.95 -4.90 -23.41
O2 SO4 F . -1.64 -6.97 -22.33
O3 SO4 F . -3.81 -6.21 -22.79
O4 SO4 F . -2.42 -6.90 -24.56
S SO4 G . -23.19 8.04 10.04
O1 SO4 G . -23.22 9.06 9.04
O2 SO4 G . -21.87 7.97 10.63
O3 SO4 G . -24.15 8.35 11.07
O4 SO4 G . -23.50 6.76 9.45
S SO4 H . -10.13 5.47 8.77
O1 SO4 H . -9.97 5.97 10.10
O2 SO4 H . -8.83 5.35 8.14
O3 SO4 H . -10.76 4.17 8.79
O4 SO4 H . -10.94 6.38 8.00
#